data_4PS6
#
_entry.id   4PS6
#
_cell.length_a   33.449
_cell.length_b   47.057
_cell.length_c   36.389
_cell.angle_alpha   90.000
_cell.angle_beta   96.910
_cell.angle_gamma   90.000
#
_symmetry.space_group_name_H-M   'P 1 21 1'
#
loop_
_entity.id
_entity.type
_entity.pdbx_description
1 polymer 'Inhibitor of vertebrate lysozyme'
2 water water
#
_entity_poly.entity_id   1
_entity_poly.type   'polypeptide(L)'
_entity_poly.pdbx_seq_one_letter_code
;GEEQPRLFELLGQPGYKATWHA(MSE)FKGESDVPKWVSDASGPSSPSTSLSLEGQPYVLANSCKPHDCGNNRLLVAFRG
DKSAAYGLQVSLPDEPAEV(MSE)QTPSKYATYRWYGEPSRQVRELL(MSE)KQLESDPNWK
;
_entity_poly.pdbx_strand_id   A
#
# COMPACT_ATOMS: atom_id res chain seq x y z
N GLY A 1 -17.07 1.88 6.33
CA GLY A 1 -15.72 2.46 6.14
C GLY A 1 -15.71 3.91 6.55
N GLU A 2 -14.56 4.35 7.03
CA GLU A 2 -14.38 5.70 7.55
C GLU A 2 -13.11 6.30 6.97
N GLU A 3 -13.21 7.53 6.48
CA GLU A 3 -12.02 8.25 6.02
C GLU A 3 -11.01 8.36 7.14
N GLN A 4 -9.75 8.11 6.81
CA GLN A 4 -8.63 8.29 7.73
C GLN A 4 -7.57 9.14 7.02
N PRO A 5 -6.60 9.68 7.78
CA PRO A 5 -5.56 10.51 7.16
C PRO A 5 -4.78 9.76 6.09
N ARG A 6 -4.21 10.52 5.16
CA ARG A 6 -3.38 9.98 4.10
C ARG A 6 -2.11 9.37 4.67
N LEU A 7 -1.45 8.51 3.90
CA LEU A 7 -0.32 7.76 4.46
C LEU A 7 0.76 8.67 5.04
N PHE A 8 1.17 9.70 4.31
CA PHE A 8 2.21 10.60 4.81
C PHE A 8 1.77 11.28 6.12
N GLU A 9 0.47 11.47 6.28
CA GLU A 9 -0.05 12.07 7.51
C GLU A 9 -0.01 11.06 8.66
N LEU A 10 -0.47 9.84 8.40
CA LEU A 10 -0.42 8.77 9.40
C LEU A 10 1.01 8.58 9.90
N LEU A 11 1.97 8.62 8.99
CA LEU A 11 3.34 8.29 9.35
C LEU A 11 4.03 9.39 10.13
N GLY A 12 3.40 10.56 10.21
CA GLY A 12 3.86 11.63 11.10
C GLY A 12 3.48 11.40 12.56
N GLN A 13 2.55 10.46 12.80
CA GLN A 13 2.11 10.14 14.16
C GLN A 13 3.03 9.10 14.77
N PRO A 14 3.36 9.26 16.06
CA PRO A 14 4.35 8.32 16.63
C PRO A 14 3.94 6.85 16.50
N GLY A 15 2.67 6.56 16.69
CA GLY A 15 2.19 5.17 16.64
C GLY A 15 2.36 4.54 15.25
N TYR A 16 1.71 5.10 14.25
CA TYR A 16 1.85 4.53 12.89
C TYR A 16 3.28 4.53 12.39
N LYS A 17 4.03 5.56 12.71
CA LYS A 17 5.44 5.64 12.32
C LYS A 17 6.24 4.40 12.80
N ALA A 18 6.05 4.04 14.05
CA ALA A 18 6.77 2.90 14.64
C ALA A 18 6.35 1.53 14.02
N THR A 19 5.07 1.36 13.79
CA THR A 19 4.57 0.11 13.22
C THR A 19 5.12 -0.08 11.79
N TRP A 20 5.16 1.02 11.07
CA TRP A 20 5.67 1.02 9.71
C TRP A 20 7.15 0.63 9.69
N HIS A 21 7.93 1.24 10.57
CA HIS A 21 9.34 0.94 10.65
C HIS A 21 9.60 -0.54 10.91
N ALA A 22 8.86 -1.09 11.87
CA ALA A 22 8.97 -2.48 12.22
C ALA A 22 8.72 -3.41 11.07
N PHE A 24 9.69 -3.30 8.06
CA PHE A 24 10.83 -3.51 7.18
C PHE A 24 11.98 -4.30 7.81
N LYS A 25 11.82 -4.77 9.04
CA LYS A 25 12.87 -5.54 9.70
C LYS A 25 13.22 -6.76 8.87
N GLY A 26 14.51 -6.91 8.54
CA GLY A 26 14.99 -8.04 7.77
C GLY A 26 14.82 -7.95 6.27
N GLU A 27 14.19 -6.88 5.78
CA GLU A 27 14.01 -6.72 4.36
C GLU A 27 15.26 -6.12 3.76
N SER A 28 15.62 -6.58 2.57
CA SER A 28 16.74 -6.02 1.84
CA SER A 28 16.73 -5.97 1.88
C SER A 28 16.27 -5.39 0.54
N ASP A 29 17.08 -4.49 0.00
CA ASP A 29 16.85 -3.80 -1.26
C ASP A 29 15.45 -3.16 -1.30
N VAL A 30 15.09 -2.46 -0.22
CA VAL A 30 13.83 -1.74 -0.18
C VAL A 30 14.09 -0.34 -0.75
N PRO A 31 13.40 0.05 -1.84
CA PRO A 31 13.59 1.40 -2.38
C PRO A 31 13.31 2.47 -1.33
N LYS A 32 14.08 3.54 -1.37
CA LYS A 32 13.88 4.64 -0.45
C LYS A 32 12.46 5.18 -0.50
N TRP A 33 11.87 5.25 -1.69
CA TRP A 33 10.54 5.83 -1.75
C TRP A 33 9.53 4.97 -0.99
N VAL A 34 9.76 3.67 -0.91
CA VAL A 34 8.85 2.78 -0.23
C VAL A 34 8.94 2.95 1.28
N SER A 35 10.15 2.89 1.83
CA SER A 35 10.30 3.06 3.27
C SER A 35 9.90 4.47 3.73
N ASP A 36 10.11 5.48 2.89
CA ASP A 36 9.67 6.83 3.24
C ASP A 36 8.13 6.96 3.17
N ALA A 37 7.54 6.43 2.10
CA ALA A 37 6.09 6.46 1.86
C ALA A 37 5.52 7.85 2.10
N SER A 38 6.21 8.85 1.59
CA SER A 38 5.91 10.24 1.88
C SER A 38 5.33 10.99 0.69
N GLY A 39 5.05 10.27 -0.40
CA GLY A 39 4.58 10.89 -1.63
C GLY A 39 3.07 11.04 -1.69
N PRO A 40 2.56 11.36 -2.88
CA PRO A 40 1.13 11.53 -3.03
C PRO A 40 0.32 10.35 -2.53
N SER A 41 -0.80 10.66 -1.89
CA SER A 41 -1.61 9.65 -1.22
C SER A 41 -3.05 10.13 -1.22
N SER A 42 -3.99 9.27 -1.61
CA SER A 42 -5.40 9.59 -1.49
C SER A 42 -5.90 9.17 -0.10
N PRO A 43 -7.09 9.64 0.28
CA PRO A 43 -7.56 9.34 1.63
C PRO A 43 -7.56 7.86 1.98
N SER A 44 -7.18 7.56 3.21
CA SER A 44 -7.21 6.20 3.72
C SER A 44 -8.64 5.85 4.15
N THR A 45 -8.86 4.56 4.41
CA THR A 45 -10.13 4.05 4.88
C THR A 45 -9.90 3.04 5.99
N SER A 46 -10.55 3.24 7.14
CA SER A 46 -10.64 2.16 8.12
C SER A 46 -11.88 1.34 7.85
N LEU A 47 -11.73 0.03 7.89
CA LEU A 47 -12.80 -0.88 7.54
C LEU A 47 -12.61 -2.18 8.30
N SER A 48 -13.53 -3.13 8.08
CA SER A 48 -13.42 -4.43 8.72
CA SER A 48 -13.51 -4.43 8.74
C SER A 48 -13.37 -5.57 7.72
N LEU A 49 -12.56 -6.56 8.09
CA LEU A 49 -12.41 -7.77 7.35
C LEU A 49 -12.78 -8.92 8.29
N GLU A 50 -13.95 -9.50 8.09
CA GLU A 50 -14.44 -10.58 8.94
C GLU A 50 -14.25 -10.28 10.43
N GLY A 51 -14.64 -9.07 10.81
CA GLY A 51 -14.64 -8.66 12.21
C GLY A 51 -13.30 -8.18 12.75
N GLN A 52 -12.29 -8.07 11.89
CA GLN A 52 -10.99 -7.52 12.26
C GLN A 52 -10.75 -6.20 11.56
N PRO A 53 -10.34 -5.17 12.31
CA PRO A 53 -10.24 -3.85 11.77
C PRO A 53 -8.90 -3.58 11.11
N TYR A 54 -8.94 -2.87 9.98
CA TYR A 54 -7.70 -2.43 9.32
C TYR A 54 -7.86 -1.00 8.84
N VAL A 55 -6.74 -0.29 8.78
CA VAL A 55 -6.64 1.02 8.14
C VAL A 55 -5.88 0.79 6.83
N LEU A 56 -6.57 1.10 5.73
CA LEU A 56 -6.02 0.88 4.38
C LEU A 56 -5.57 2.22 3.83
N ALA A 57 -4.28 2.30 3.52
CA ALA A 57 -3.66 3.52 3.07
C ALA A 57 -2.89 3.25 1.79
N ASN A 58 -2.52 4.32 1.10
CA ASN A 58 -1.84 4.21 -0.16
C ASN A 58 -0.84 5.34 -0.35
N SER A 59 0.11 5.11 -1.24
CA SER A 59 1.06 6.12 -1.66
CA SER A 59 0.95 6.19 -1.74
C SER A 59 1.56 5.75 -3.05
N CYS A 60 2.21 6.68 -3.73
CA CYS A 60 2.88 6.34 -4.97
C CYS A 60 4.19 7.11 -5.06
N LYS A 61 5.02 6.68 -5.98
CA LYS A 61 6.33 7.27 -6.11
C LYS A 61 6.19 8.64 -6.77
N PRO A 62 6.72 9.68 -6.11
CA PRO A 62 6.63 11.03 -6.70
C PRO A 62 7.18 11.03 -8.12
N HIS A 63 6.43 11.62 -9.03
CA HIS A 63 6.80 11.78 -10.42
C HIS A 63 6.88 10.48 -11.22
N ASP A 64 6.43 9.36 -10.65
CA ASP A 64 6.30 8.10 -11.38
C ASP A 64 5.17 7.31 -10.73
N CYS A 65 4.03 8.00 -10.60
CA CYS A 65 2.98 7.57 -9.68
C CYS A 65 2.19 6.36 -10.18
N GLY A 66 1.78 6.38 -11.44
CA GLY A 66 0.99 5.28 -11.98
C GLY A 66 1.69 3.94 -12.00
N ASN A 67 3.00 3.99 -12.21
CA ASN A 67 3.80 2.78 -12.36
C ASN A 67 4.39 2.25 -11.07
N ASN A 68 4.21 2.98 -9.96
CA ASN A 68 4.85 2.64 -8.69
C ASN A 68 3.89 2.96 -7.56
N ARG A 69 3.16 1.94 -7.10
CA ARG A 69 2.08 2.11 -6.13
C ARG A 69 2.40 1.33 -4.87
N LEU A 70 2.02 1.89 -3.73
CA LEU A 70 2.18 1.25 -2.44
C LEU A 70 0.79 1.23 -1.78
N LEU A 71 0.42 0.06 -1.27
CA LEU A 71 -0.80 -0.12 -0.51
C LEU A 71 -0.38 -0.68 0.84
N VAL A 72 -1.03 -0.20 1.88
CA VAL A 72 -0.71 -0.59 3.25
C VAL A 72 -1.98 -0.93 4.01
N ALA A 73 -1.91 -2.00 4.82
CA ALA A 73 -2.95 -2.32 5.78
C ALA A 73 -2.36 -2.33 7.17
N PHE A 74 -2.74 -1.34 7.99
CA PHE A 74 -2.37 -1.35 9.41
C PHE A 74 -3.48 -2.06 10.17
N ARG A 75 -3.13 -2.93 11.13
CA ARG A 75 -4.13 -3.36 12.10
C ARG A 75 -4.74 -2.14 12.78
N GLY A 76 -6.03 -2.20 13.10
CA GLY A 76 -6.68 -1.10 13.82
C GLY A 76 -5.98 -0.74 15.10
N ASP A 77 -5.46 -1.74 15.80
CA ASP A 77 -4.74 -1.49 17.05
C ASP A 77 -3.28 -1.06 16.85
N LYS A 78 -2.86 -0.94 15.60
CA LYS A 78 -1.54 -0.41 15.21
C LYS A 78 -0.38 -1.34 15.58
N SER A 79 -0.67 -2.60 15.90
CA SER A 79 0.38 -3.53 16.32
C SER A 79 1.13 -4.20 15.19
N ALA A 80 0.63 -4.09 13.96
CA ALA A 80 1.32 -4.67 12.80
C ALA A 80 0.84 -3.97 11.56
N ALA A 81 1.67 -4.00 10.53
CA ALA A 81 1.32 -3.47 9.21
C ALA A 81 1.74 -4.49 8.16
N TYR A 82 1.04 -4.41 7.03
CA TYR A 82 1.26 -5.25 5.86
C TYR A 82 1.28 -4.32 4.66
N GLY A 83 2.10 -4.68 3.66
CA GLY A 83 2.31 -3.81 2.54
C GLY A 83 2.37 -4.53 1.21
N LEU A 84 2.02 -3.78 0.16
CA LEU A 84 2.06 -4.26 -1.23
C LEU A 84 2.67 -3.16 -2.09
N GLN A 85 3.81 -3.46 -2.72
CA GLN A 85 4.42 -2.57 -3.69
C GLN A 85 4.14 -3.13 -5.06
N VAL A 86 3.59 -2.28 -5.94
CA VAL A 86 3.20 -2.62 -7.30
C VAL A 86 4.11 -1.87 -8.26
N SER A 87 4.72 -2.60 -9.19
CA SER A 87 5.56 -2.02 -10.22
C SER A 87 5.03 -2.37 -11.60
N LEU A 88 4.93 -1.36 -12.48
CA LEU A 88 4.56 -1.56 -13.88
C LEU A 88 5.70 -1.15 -14.77
N PRO A 89 5.94 -1.91 -15.85
CA PRO A 89 6.91 -1.48 -16.84
C PRO A 89 6.42 -0.29 -17.65
N ASP A 90 7.35 0.40 -18.29
CA ASP A 90 6.97 1.57 -19.11
C ASP A 90 6.35 1.22 -20.47
N GLU A 91 6.62 0.03 -20.97
CA GLU A 91 6.16 -0.43 -22.27
C GLU A 91 5.71 -1.88 -22.13
N PRO A 92 4.81 -2.34 -23.02
CA PRO A 92 4.20 -1.60 -24.12
C PRO A 92 3.04 -0.69 -23.69
N ALA A 93 2.40 -0.03 -24.64
CA ALA A 93 1.33 0.91 -24.32
C ALA A 93 0.17 0.23 -23.63
N GLU A 94 -0.02 -1.07 -23.87
CA GLU A 94 -1.15 -1.78 -23.31
C GLU A 94 -1.04 -1.97 -21.80
N VAL A 95 0.13 -1.67 -21.22
CA VAL A 95 0.25 -1.70 -19.77
C VAL A 95 -0.81 -0.78 -19.14
N GLN A 97 -3.71 -0.21 -20.26
CA GLN A 97 -5.03 -0.81 -20.49
CA GLN A 97 -5.03 -0.77 -20.45
C GLN A 97 -5.32 -1.94 -19.49
N THR A 98 -4.36 -2.84 -19.32
CA THR A 98 -4.52 -4.00 -18.44
C THR A 98 -3.32 -4.16 -17.53
N PRO A 99 -3.11 -3.20 -16.62
CA PRO A 99 -1.89 -3.25 -15.81
C PRO A 99 -1.75 -4.52 -14.98
N SER A 100 -2.85 -5.14 -14.59
CA SER A 100 -2.78 -6.35 -13.79
C SER A 100 -2.00 -7.47 -14.47
N LYS A 101 -1.97 -7.49 -15.79
CA LYS A 101 -1.32 -8.58 -16.52
C LYS A 101 0.18 -8.38 -16.59
N TYR A 102 0.63 -7.16 -16.34
CA TYR A 102 2.03 -6.74 -16.46
C TYR A 102 2.72 -6.47 -15.11
N ALA A 103 1.95 -6.36 -14.04
CA ALA A 103 2.47 -5.88 -12.77
C ALA A 103 3.38 -6.89 -12.08
N THR A 104 4.39 -6.37 -11.38
CA THR A 104 5.17 -7.13 -10.41
C THR A 104 4.79 -6.67 -9.02
N TYR A 105 4.51 -7.62 -8.14
CA TYR A 105 4.09 -7.36 -6.77
C TYR A 105 5.18 -7.79 -5.79
N ARG A 106 5.40 -6.97 -4.76
CA ARG A 106 6.24 -7.34 -3.62
C ARG A 106 5.43 -7.12 -2.35
N TRP A 107 5.42 -8.15 -1.50
CA TRP A 107 4.68 -8.11 -0.23
C TRP A 107 5.61 -7.84 0.96
N TYR A 108 5.14 -7.03 1.89
CA TYR A 108 5.86 -6.71 3.12
C TYR A 108 5.01 -7.11 4.33
N GLY A 109 5.66 -7.58 5.37
CA GLY A 109 4.98 -7.93 6.61
C GLY A 109 4.40 -9.34 6.66
N GLU A 110 4.65 -10.16 5.64
CA GLU A 110 4.12 -11.53 5.55
C GLU A 110 2.61 -11.59 5.82
N PRO A 111 1.82 -10.92 4.98
CA PRO A 111 0.37 -10.98 5.12
C PRO A 111 -0.23 -12.35 4.78
N SER A 112 -1.34 -12.66 5.43
CA SER A 112 -2.16 -13.81 5.08
C SER A 112 -2.80 -13.62 3.71
N ARG A 113 -3.36 -14.69 3.16
CA ARG A 113 -4.03 -14.60 1.87
C ARG A 113 -5.15 -13.57 1.93
N GLN A 114 -5.90 -13.56 3.02
CA GLN A 114 -7.03 -12.67 3.16
C GLN A 114 -6.60 -11.21 3.22
N VAL A 115 -5.48 -10.91 3.90
CA VAL A 115 -4.96 -9.55 3.90
C VAL A 115 -4.36 -9.18 2.53
N ARG A 116 -3.69 -10.14 1.87
CA ARG A 116 -3.26 -9.92 0.48
C ARG A 116 -4.45 -9.51 -0.40
N GLU A 117 -5.55 -10.23 -0.27
CA GLU A 117 -6.74 -9.91 -1.04
C GLU A 117 -7.31 -8.55 -0.70
N LEU A 118 -7.25 -8.17 0.55
CA LEU A 118 -7.74 -6.86 0.97
C LEU A 118 -6.90 -5.75 0.33
N LEU A 119 -5.59 -5.97 0.28
CA LEU A 119 -4.69 -5.01 -0.35
C LEU A 119 -4.94 -4.95 -1.87
N LYS A 121 -7.75 -5.53 -3.36
CA LYS A 121 -9.00 -4.79 -3.54
C LYS A 121 -8.80 -3.28 -3.50
N GLN A 122 -7.91 -2.80 -2.65
CA GLN A 122 -7.62 -1.37 -2.60
C GLN A 122 -6.99 -0.90 -3.89
N LEU A 123 -6.03 -1.66 -4.38
CA LEU A 123 -5.40 -1.39 -5.67
C LEU A 123 -6.46 -1.32 -6.76
N GLU A 124 -7.36 -2.30 -6.73
CA GLU A 124 -8.39 -2.43 -7.74
C GLU A 124 -9.51 -1.40 -7.65
N SER A 125 -9.51 -0.62 -6.58
CA SER A 125 -10.47 0.49 -6.48
C SER A 125 -10.21 1.62 -7.50
N ASP A 126 -8.99 1.72 -8.04
CA ASP A 126 -8.73 2.61 -9.20
C ASP A 126 -9.58 2.12 -10.38
N PRO A 127 -10.51 2.97 -10.89
CA PRO A 127 -11.41 2.50 -11.96
C PRO A 127 -10.72 2.15 -13.27
N ASN A 128 -9.50 2.66 -13.47
CA ASN A 128 -8.69 2.30 -14.65
C ASN A 128 -7.87 1.01 -14.47
N TRP A 129 -7.73 0.56 -13.23
CA TRP A 129 -7.01 -0.67 -12.96
C TRP A 129 -7.85 -1.85 -13.43
N LYS A 130 -7.21 -2.71 -14.21
CA LYS A 130 -7.84 -3.87 -14.80
C LYS A 130 -6.74 -4.89 -15.00
#